data_6JQ3
#
_entry.id   6JQ3
#
_cell.length_a   106.630
_cell.length_b   67.970
_cell.length_c   70.730
_cell.angle_alpha   90.00
_cell.angle_beta   103.86
_cell.angle_gamma   90.00
#
_symmetry.space_group_name_H-M   'C 1 2 1'
#
loop_
_entity.id
_entity.type
_entity.pdbx_description
1 polymer 'H-2 class I histocompatibility antigen, K-B alpha chain'
2 polymer 'DPAGT1 mutant antigen SIIVFNLL'
3 polymer Beta-2-microglobulin
4 water water
#
loop_
_entity_poly.entity_id
_entity_poly.type
_entity_poly.pdbx_seq_one_letter_code
_entity_poly.pdbx_strand_id
1 'polypeptide(L)'
;GPHSLRYFVTAVSRPGLGEPRYMEVGYVDDTEFVRFDSDAENPRYEPRARWMEQEGPEYWERETQKAKGNEQSFRVDLRT
LLGYYNQSKGGSHTIQVISGCEVGSDGRLLRGYQQYAYDGCDYIALNEDLKTWTAADMAALITKHKWEQAGEAERLRAYL
EGTCVEWLRRYLKNGNATLLRTDSPKAHVTHHSRPEDKVTLRCWALGFYPADITLTWQLNGEELIQDMELVETRPAGDGT
FQKWASVVVPLGKEQYYTCHVYHQGLPEPLTLRW
;
A
2 'polypeptide(L)' SIIVFNLL P
3 'polypeptide(L)'
;IQKTPQIQVYSRHPPENGKPNILNCYVTQFHPPHIEIQMLKNGKKIPKVEMSDMSFSKDWSFYILAHTEFTPTETDTYAC
RVKHASMAEPKTVYWDRDM
;
B
#
# COMPACT_ATOMS: atom_id res chain seq x y z
N GLY A 1 -2.26 -5.46 -22.67
CA GLY A 1 -1.23 -5.31 -21.65
C GLY A 1 -1.41 -6.36 -20.58
N PRO A 2 -0.41 -6.57 -19.73
CA PRO A 2 -0.56 -7.54 -18.64
C PRO A 2 -1.48 -7.01 -17.56
N HIS A 3 -2.19 -7.92 -16.91
CA HIS A 3 -3.09 -7.51 -15.85
C HIS A 3 -2.89 -8.43 -14.65
N SER A 4 -3.45 -8.01 -13.52
CA SER A 4 -3.28 -8.74 -12.28
C SER A 4 -4.58 -8.70 -11.50
N LEU A 5 -4.78 -9.73 -10.69
CA LEU A 5 -5.88 -9.78 -9.72
C LEU A 5 -5.29 -10.41 -8.48
N ARG A 6 -5.21 -9.66 -7.37
CA ARG A 6 -4.53 -10.18 -6.19
C ARG A 6 -5.28 -9.75 -4.94
N TYR A 7 -5.17 -10.58 -3.90
CA TYR A 7 -5.85 -10.38 -2.63
C TYR A 7 -4.84 -10.33 -1.50
N PHE A 8 -5.01 -9.36 -0.62
CA PHE A 8 -4.08 -9.11 0.49
C PHE A 8 -4.84 -9.38 1.79
N VAL A 9 -4.40 -10.39 2.54
CA VAL A 9 -5.17 -10.93 3.65
C VAL A 9 -4.45 -10.59 4.94
N THR A 10 -5.17 -10.03 5.90
CA THR A 10 -4.56 -9.78 7.20
C THR A 10 -5.40 -10.32 8.34
N ALA A 11 -4.71 -11.00 9.25
CA ALA A 11 -5.25 -11.56 10.47
C ALA A 11 -4.28 -11.19 11.57
N VAL A 12 -4.75 -10.51 12.61
CA VAL A 12 -3.86 -10.13 13.70
C VAL A 12 -4.58 -10.37 15.02
N SER A 13 -3.89 -11.02 15.95
CA SER A 13 -4.49 -11.44 17.19
C SER A 13 -4.46 -10.32 18.23
N ARG A 14 -5.42 -10.36 19.15
CA ARG A 14 -5.48 -9.43 20.28
C ARG A 14 -5.71 -10.20 21.57
N PRO A 15 -4.69 -10.80 22.06
CA PRO A 15 -4.82 -11.54 23.30
C PRO A 15 -5.54 -10.72 24.34
N GLY A 16 -6.73 -11.18 24.69
CA GLY A 16 -7.51 -10.53 25.70
C GLY A 16 -8.48 -9.49 25.21
N LEU A 17 -8.33 -9.09 23.98
CA LEU A 17 -9.22 -8.09 23.44
C LEU A 17 -10.23 -8.73 22.55
N GLY A 18 -10.33 -10.04 22.63
CA GLY A 18 -11.30 -10.73 21.80
C GLY A 18 -10.82 -11.38 20.52
N GLU A 19 -11.78 -11.72 19.69
CA GLU A 19 -11.49 -12.36 18.44
C GLU A 19 -10.46 -11.56 17.69
N PRO A 20 -9.66 -12.30 16.84
CA PRO A 20 -8.67 -11.53 16.10
C PRO A 20 -9.25 -10.71 15.00
N ARG A 21 -8.49 -9.74 14.52
CA ARG A 21 -9.01 -8.87 13.47
C ARG A 21 -8.60 -9.43 12.10
N TYR A 22 -9.56 -9.47 11.19
CA TYR A 22 -9.41 -10.21 9.94
C TYR A 22 -9.78 -9.31 8.77
N MET A 23 -8.94 -9.31 7.74
CA MET A 23 -9.17 -8.48 6.57
C MET A 23 -8.79 -9.16 5.25
N GLU A 24 -9.61 -8.93 4.25
CA GLU A 24 -9.36 -9.32 2.87
C GLU A 24 -9.47 -8.05 2.04
N VAL A 25 -8.51 -7.82 1.16
CA VAL A 25 -8.53 -6.65 0.27
C VAL A 25 -8.16 -7.11 -1.13
N GLY A 26 -8.95 -6.72 -2.12
CA GLY A 26 -8.73 -7.13 -3.51
C GLY A 26 -8.22 -6.01 -4.39
N TYR A 27 -7.23 -6.34 -5.23
CA TYR A 27 -6.63 -5.40 -6.17
C TYR A 27 -6.72 -5.93 -7.59
N VAL A 28 -7.13 -5.07 -8.52
CA VAL A 28 -6.99 -5.30 -9.94
C VAL A 28 -5.98 -4.29 -10.49
N ASP A 29 -4.89 -4.81 -11.07
CA ASP A 29 -3.81 -3.96 -11.53
C ASP A 29 -3.46 -2.89 -10.47
N ASP A 30 -3.24 -3.34 -9.24
CA ASP A 30 -2.78 -2.53 -8.09
C ASP A 30 -3.76 -1.48 -7.60
N THR A 31 -5.03 -1.53 -7.98
CA THR A 31 -6.03 -0.61 -7.47
C THR A 31 -7.09 -1.37 -6.67
N GLU A 32 -7.39 -0.88 -5.47
CA GLU A 32 -8.27 -1.62 -4.57
C GLU A 32 -9.70 -1.58 -5.09
N PHE A 33 -10.31 -2.77 -5.27
CA PHE A 33 -11.66 -2.81 -5.78
C PHE A 33 -12.68 -3.48 -4.86
N VAL A 34 -12.25 -4.34 -3.92
CA VAL A 34 -13.16 -4.92 -2.94
C VAL A 34 -12.45 -4.95 -1.60
N ARG A 35 -13.24 -4.92 -0.52
CA ARG A 35 -12.70 -4.98 0.83
C ARG A 35 -13.68 -5.64 1.79
N PHE A 36 -13.14 -6.53 2.63
CA PHE A 36 -13.84 -7.12 3.74
C PHE A 36 -13.05 -6.83 5.00
N ASP A 37 -13.73 -6.36 6.03
CA ASP A 37 -13.08 -6.03 7.30
C ASP A 37 -13.99 -6.50 8.43
N SER A 38 -13.46 -7.38 9.29
CA SER A 38 -14.24 -7.99 10.38
C SER A 38 -14.61 -7.01 11.47
N ASP A 39 -13.98 -5.82 11.48
CA ASP A 39 -14.22 -4.80 12.50
C ASP A 39 -15.10 -3.67 11.99
N ALA A 40 -15.55 -3.72 10.74
CA ALA A 40 -16.69 -2.91 10.36
C ALA A 40 -17.92 -3.40 11.13
N GLU A 41 -18.98 -2.64 11.03
CA GLU A 41 -20.20 -2.86 11.79
C GLU A 41 -21.02 -4.11 11.48
N ASN A 42 -21.15 -4.41 10.21
CA ASN A 42 -21.83 -5.58 9.74
C ASN A 42 -20.79 -6.02 8.76
N PRO A 43 -19.85 -6.92 9.23
CA PRO A 43 -18.82 -7.29 8.27
C PRO A 43 -19.41 -7.81 7.01
N ARG A 44 -19.00 -7.24 5.90
CA ARG A 44 -19.48 -7.63 4.59
C ARG A 44 -18.41 -7.30 3.59
N TYR A 45 -18.49 -7.89 2.43
CA TYR A 45 -17.55 -7.59 1.41
C TYR A 45 -18.19 -6.35 0.90
N GLU A 46 -17.38 -5.38 0.53
CA GLU A 46 -17.88 -4.08 0.08
C GLU A 46 -17.23 -3.70 -1.22
N PRO A 47 -17.91 -2.93 -2.05
CA PRO A 47 -17.27 -2.36 -3.24
C PRO A 47 -16.35 -1.23 -2.84
N ARG A 48 -15.19 -1.19 -3.50
CA ARG A 48 -14.21 -0.13 -3.31
C ARG A 48 -13.91 0.61 -4.61
N ALA A 49 -14.65 0.30 -5.66
CA ALA A 49 -14.64 1.08 -6.87
C ALA A 49 -16.07 1.03 -7.38
N ARG A 50 -16.53 2.14 -7.98
CA ARG A 50 -17.95 2.17 -8.28
C ARG A 50 -18.31 1.31 -9.47
N TRP A 51 -17.33 0.85 -10.25
CA TRP A 51 -17.64 -0.10 -11.31
C TRP A 51 -17.97 -1.48 -10.74
N MET A 52 -17.37 -1.84 -9.60
CA MET A 52 -17.72 -3.07 -8.92
C MET A 52 -19.18 -3.12 -8.51
N GLU A 53 -19.87 -2.00 -8.51
CA GLU A 53 -21.26 -2.02 -8.05
C GLU A 53 -22.21 -2.60 -9.08
N GLN A 54 -21.72 -3.00 -10.26
CA GLN A 54 -22.52 -3.78 -11.20
C GLN A 54 -22.89 -5.15 -10.66
N GLU A 55 -22.01 -5.76 -9.88
CA GLU A 55 -22.21 -7.14 -9.46
C GLU A 55 -23.43 -7.23 -8.55
N GLY A 56 -24.21 -8.32 -8.73
CA GLY A 56 -25.47 -8.47 -8.08
C GLY A 56 -25.33 -8.82 -6.60
N PRO A 57 -26.48 -8.94 -5.92
CA PRO A 57 -26.44 -9.33 -4.50
C PRO A 57 -25.91 -10.72 -4.26
N GLU A 58 -26.04 -11.65 -5.21
CA GLU A 58 -25.51 -13.00 -4.98
C GLU A 58 -24.00 -12.98 -4.89
N TYR A 59 -23.32 -12.23 -5.77
CA TYR A 59 -21.89 -12.01 -5.63
C TYR A 59 -21.52 -11.62 -4.20
N TRP A 60 -22.13 -10.54 -3.71
CA TRP A 60 -21.68 -9.99 -2.45
C TRP A 60 -21.89 -10.98 -1.34
N GLU A 61 -23.06 -11.63 -1.29
CA GLU A 61 -23.28 -12.57 -0.20
C GLU A 61 -22.45 -13.84 -0.38
N ARG A 62 -22.15 -14.23 -1.63
CA ARG A 62 -21.26 -15.37 -1.83
C ARG A 62 -19.88 -15.07 -1.25
N GLU A 63 -19.36 -13.87 -1.56
CA GLU A 63 -18.05 -13.46 -1.07
C GLU A 63 -18.04 -13.18 0.43
N THR A 64 -19.14 -12.64 0.97
CA THR A 64 -19.21 -12.42 2.41
C THR A 64 -19.08 -13.73 3.14
N GLN A 65 -19.87 -14.73 2.72
CA GLN A 65 -19.82 -16.03 3.36
C GLN A 65 -18.42 -16.64 3.25
N LYS A 66 -17.83 -16.56 2.06
CA LYS A 66 -16.48 -17.10 1.92
C LYS A 66 -15.53 -16.42 2.90
N ALA A 67 -15.57 -15.08 2.96
CA ALA A 67 -14.71 -14.36 3.90
C ALA A 67 -14.93 -14.81 5.33
N LYS A 68 -16.20 -14.98 5.74
CA LYS A 68 -16.44 -15.41 7.11
C LYS A 68 -15.74 -16.73 7.41
N GLY A 69 -15.74 -17.66 6.44
CA GLY A 69 -15.04 -18.93 6.64
C GLY A 69 -13.54 -18.79 6.61
N ASN A 70 -13.01 -18.06 5.64
CA ASN A 70 -11.59 -17.69 5.71
C ASN A 70 -11.23 -17.10 7.07
N GLU A 71 -12.06 -16.19 7.60
CA GLU A 71 -11.77 -15.61 8.91
C GLU A 71 -11.74 -16.68 9.97
N GLN A 72 -12.72 -17.58 9.97
CA GLN A 72 -12.73 -18.63 10.99
C GLN A 72 -11.45 -19.43 10.91
N SER A 73 -10.91 -19.60 9.72
CA SER A 73 -9.73 -20.43 9.53
C SER A 73 -8.44 -19.72 9.94
N PHE A 74 -8.35 -18.38 9.81
CA PHE A 74 -7.11 -17.73 10.26
C PHE A 74 -6.99 -17.64 11.78
N ARG A 75 -8.10 -17.72 12.53
CA ARG A 75 -7.90 -17.77 13.98
C ARG A 75 -7.21 -19.06 14.41
N VAL A 76 -7.47 -20.16 13.69
CA VAL A 76 -6.75 -21.40 13.98
C VAL A 76 -5.30 -21.28 13.57
N ASP A 77 -5.04 -20.82 12.34
CA ASP A 77 -3.67 -20.61 11.88
C ASP A 77 -2.83 -19.79 12.89
N LEU A 78 -3.41 -18.72 13.46
CA LEU A 78 -2.70 -17.96 14.51
C LEU A 78 -2.38 -18.85 15.72
N ARG A 79 -3.38 -19.56 16.25
CA ARG A 79 -3.07 -20.44 17.37
C ARG A 79 -2.13 -21.58 16.95
N THR A 80 -2.20 -22.00 15.70
CA THR A 80 -1.31 -23.07 15.26
C THR A 80 0.13 -22.62 15.28
N LEU A 81 0.36 -21.40 14.79
CA LEU A 81 1.73 -20.95 14.60
C LEU A 81 2.41 -20.64 15.92
N LEU A 82 1.67 -20.14 16.91
CA LEU A 82 2.25 -20.02 18.25
C LEU A 82 2.85 -21.35 18.69
N GLY A 83 2.13 -22.45 18.47
CA GLY A 83 2.61 -23.75 18.93
C GLY A 83 3.79 -24.25 18.13
N TYR A 84 3.75 -24.07 16.81
CA TYR A 84 4.85 -24.54 15.97
C TYR A 84 6.15 -23.90 16.41
N TYR A 85 6.10 -22.61 16.73
CA TYR A 85 7.25 -21.84 17.21
C TYR A 85 7.40 -21.87 18.71
N ASN A 86 6.47 -22.48 19.45
CA ASN A 86 6.49 -22.47 20.90
C ASN A 86 6.77 -21.06 21.40
N GLN A 87 5.79 -20.18 21.28
CA GLN A 87 5.91 -18.83 21.79
C GLN A 87 4.95 -18.62 22.94
N SER A 88 5.30 -17.67 23.83
CA SER A 88 4.40 -17.21 24.88
C SER A 88 3.05 -16.88 24.29
N LYS A 89 1.99 -17.09 25.08
CA LYS A 89 0.64 -16.86 24.60
C LYS A 89 0.15 -15.44 24.88
N GLY A 90 1.02 -14.54 25.35
CA GLY A 90 0.56 -13.21 25.71
C GLY A 90 0.48 -12.21 24.56
N GLY A 91 1.21 -12.45 23.46
CA GLY A 91 1.53 -11.40 22.51
C GLY A 91 0.59 -11.30 21.32
N SER A 92 0.67 -10.15 20.65
CA SER A 92 -0.05 -9.92 19.40
C SER A 92 0.78 -10.46 18.23
N HIS A 93 0.12 -11.17 17.30
CA HIS A 93 0.85 -11.66 16.13
C HIS A 93 0.04 -11.42 14.86
N THR A 94 0.74 -11.46 13.74
CA THR A 94 0.11 -11.24 12.44
C THR A 94 0.37 -12.39 11.49
N ILE A 95 -0.65 -12.72 10.70
CA ILE A 95 -0.48 -13.51 9.48
C ILE A 95 -0.93 -12.66 8.30
N GLN A 96 -0.15 -12.66 7.24
CA GLN A 96 -0.48 -11.94 6.01
C GLN A 96 -0.34 -12.90 4.82
N VAL A 97 -1.14 -12.67 3.78
CA VAL A 97 -1.15 -13.52 2.60
C VAL A 97 -1.23 -12.64 1.38
N ILE A 98 -0.57 -13.05 0.32
CA ILE A 98 -0.75 -12.41 -0.94
C ILE A 98 -1.15 -13.55 -1.88
N SER A 99 -2.31 -13.45 -2.48
CA SER A 99 -2.79 -14.49 -3.38
C SER A 99 -3.40 -13.88 -4.61
N GLY A 100 -3.03 -14.40 -5.75
CA GLY A 100 -3.55 -13.89 -6.99
C GLY A 100 -2.78 -14.30 -8.18
N CYS A 101 -3.02 -13.63 -9.29
CA CYS A 101 -2.35 -13.95 -10.52
C CYS A 101 -2.13 -12.77 -11.38
N GLU A 102 -1.10 -12.85 -12.21
CA GLU A 102 -0.78 -11.84 -13.18
C GLU A 102 -0.96 -12.51 -14.52
N VAL A 103 -1.72 -11.89 -15.41
CA VAL A 103 -1.95 -12.50 -16.71
C VAL A 103 -1.42 -11.65 -17.82
N GLY A 104 -1.02 -12.30 -18.90
CA GLY A 104 -0.52 -11.59 -20.05
C GLY A 104 -1.63 -11.07 -20.94
N SER A 105 -1.24 -10.67 -22.15
CA SER A 105 -2.23 -10.10 -23.06
C SER A 105 -3.04 -11.20 -23.76
N ASP A 106 -2.44 -12.38 -23.99
CA ASP A 106 -3.23 -13.50 -24.47
C ASP A 106 -4.22 -14.03 -23.43
N GLY A 107 -4.28 -13.43 -22.23
CA GLY A 107 -5.15 -13.87 -21.17
C GLY A 107 -4.64 -15.07 -20.39
N ARG A 108 -3.52 -15.65 -20.78
CA ARG A 108 -2.93 -16.75 -20.05
C ARG A 108 -2.15 -16.27 -18.85
N LEU A 109 -2.04 -17.14 -17.86
CA LEU A 109 -1.39 -16.77 -16.63
C LEU A 109 0.12 -16.72 -16.83
N LEU A 110 0.72 -15.62 -16.35
CA LEU A 110 2.17 -15.41 -16.31
C LEU A 110 2.75 -15.72 -14.94
N ARG A 111 2.19 -15.09 -13.91
CA ARG A 111 2.65 -15.19 -12.53
C ARG A 111 1.51 -15.66 -11.63
N GLY A 112 1.77 -16.67 -10.83
CA GLY A 112 0.87 -17.04 -9.74
C GLY A 112 1.53 -16.84 -8.39
N TYR A 113 0.74 -16.35 -7.42
CA TYR A 113 1.25 -16.09 -6.08
C TYR A 113 0.41 -16.79 -5.03
N GLN A 114 1.09 -17.41 -4.08
CA GLN A 114 0.44 -17.86 -2.86
C GLN A 114 1.50 -17.75 -1.80
N GLN A 115 1.50 -16.67 -1.03
CA GLN A 115 2.64 -16.46 -0.15
C GLN A 115 2.19 -15.97 1.22
N TYR A 116 2.80 -16.56 2.23
CA TYR A 116 2.43 -16.34 3.62
C TYR A 116 3.53 -15.61 4.38
N ALA A 117 3.15 -14.72 5.28
CA ALA A 117 4.11 -14.15 6.19
C ALA A 117 3.58 -14.18 7.62
N TYR A 118 4.45 -14.57 8.55
CA TYR A 118 4.18 -14.51 9.98
C TYR A 118 5.04 -13.42 10.65
N ASP A 119 4.39 -12.52 11.39
CA ASP A 119 5.05 -11.43 12.09
C ASP A 119 5.99 -10.69 11.14
N GLY A 120 5.44 -10.27 10.01
CA GLY A 120 6.16 -9.53 9.00
C GLY A 120 7.21 -10.29 8.21
N CYS A 121 7.52 -11.53 8.58
CA CYS A 121 8.56 -12.29 7.89
C CYS A 121 7.98 -13.39 7.00
N ASP A 122 8.69 -13.70 5.93
CA ASP A 122 8.28 -14.80 5.05
C ASP A 122 8.03 -16.06 5.86
N TYR A 123 7.04 -16.84 5.42
CA TYR A 123 6.70 -18.09 6.08
C TYR A 123 6.73 -19.25 5.11
N ILE A 124 5.85 -19.26 4.11
CA ILE A 124 5.89 -20.24 3.04
C ILE A 124 5.33 -19.58 1.79
N ALA A 125 5.83 -20.00 0.63
CA ALA A 125 5.35 -19.45 -0.62
C ALA A 125 5.28 -20.55 -1.68
N LEU A 126 4.27 -20.47 -2.53
CA LEU A 126 4.18 -21.38 -3.66
C LEU A 126 5.19 -20.92 -4.71
N ASN A 127 6.11 -21.80 -5.06
CA ASN A 127 7.09 -21.45 -6.09
C ASN A 127 6.40 -21.26 -7.45
N GLU A 128 7.16 -20.67 -8.37
CA GLU A 128 6.67 -20.33 -9.70
C GLU A 128 6.32 -21.55 -10.55
N ASP A 129 6.88 -22.73 -10.25
CA ASP A 129 6.43 -23.91 -10.95
C ASP A 129 4.97 -24.24 -10.64
N LEU A 130 4.38 -23.63 -9.62
CA LEU A 130 3.03 -23.93 -9.17
C LEU A 130 2.87 -25.40 -8.76
N LYS A 131 4.00 -26.04 -8.37
CA LYS A 131 3.98 -27.40 -7.85
C LYS A 131 4.68 -27.56 -6.50
N THR A 132 5.57 -26.66 -6.11
CA THR A 132 6.37 -26.87 -4.90
C THR A 132 6.38 -25.61 -4.04
N TRP A 133 6.75 -25.79 -2.79
CA TRP A 133 6.71 -24.75 -1.79
C TRP A 133 8.12 -24.42 -1.32
N THR A 134 8.33 -23.18 -0.87
CA THR A 134 9.54 -22.78 -0.16
C THR A 134 9.14 -22.41 1.26
N ALA A 135 9.62 -23.19 2.23
CA ALA A 135 9.42 -22.90 3.63
C ALA A 135 10.58 -22.04 4.12
N ALA A 136 10.28 -21.06 5.00
CA ALA A 136 11.37 -20.19 5.43
C ALA A 136 12.16 -20.73 6.60
N ASP A 137 11.66 -21.73 7.32
CA ASP A 137 12.30 -22.17 8.55
C ASP A 137 11.76 -23.55 8.91
N MET A 138 12.02 -24.00 10.13
CA MET A 138 11.59 -25.34 10.50
C MET A 138 10.10 -25.40 10.78
N ALA A 139 9.55 -24.35 11.37
CA ALA A 139 8.12 -24.30 11.61
C ALA A 139 7.35 -24.44 10.30
N ALA A 140 7.78 -23.74 9.26
CA ALA A 140 7.05 -23.70 8.01
C ALA A 140 7.15 -25.03 7.28
N LEU A 141 8.18 -25.82 7.57
CA LEU A 141 8.30 -27.10 6.89
C LEU A 141 7.20 -28.07 7.36
N ILE A 142 6.70 -27.89 8.59
CA ILE A 142 5.52 -28.61 9.03
C ILE A 142 4.36 -28.38 8.07
N THR A 143 4.05 -27.09 7.80
CA THR A 143 3.01 -26.75 6.84
C THR A 143 3.29 -27.37 5.48
N LYS A 144 4.55 -27.34 5.05
CA LYS A 144 4.92 -27.81 3.71
C LYS A 144 4.59 -29.29 3.53
N HIS A 145 5.14 -30.13 4.40
CA HIS A 145 4.86 -31.55 4.32
C HIS A 145 3.36 -31.82 4.33
N LYS A 146 2.62 -31.13 5.18
CA LYS A 146 1.18 -31.38 5.22
C LYS A 146 0.50 -30.92 3.92
N TRP A 147 0.94 -29.80 3.34
CA TRP A 147 0.37 -29.33 2.08
C TRP A 147 0.80 -30.19 0.89
N GLU A 148 1.91 -30.90 1.00
CA GLU A 148 2.25 -31.88 -0.01
C GLU A 148 1.29 -33.07 0.07
N GLN A 149 1.00 -33.55 1.28
CA GLN A 149 0.09 -34.67 1.41
C GLN A 149 -1.32 -34.30 0.96
N ALA A 150 -1.71 -33.05 1.15
CA ALA A 150 -3.03 -32.64 0.72
C ALA A 150 -3.15 -32.40 -0.78
N GLY A 151 -2.05 -32.36 -1.51
CA GLY A 151 -2.14 -31.85 -2.87
C GLY A 151 -2.50 -30.39 -2.89
N GLU A 152 -1.95 -29.60 -1.96
CA GLU A 152 -2.30 -28.18 -1.89
C GLU A 152 -1.81 -27.42 -3.12
N ALA A 153 -0.58 -27.67 -3.55
CA ALA A 153 -0.10 -26.99 -4.75
C ALA A 153 -1.06 -27.21 -5.94
N GLU A 154 -1.42 -28.46 -6.21
CA GLU A 154 -2.37 -28.75 -7.29
C GLU A 154 -3.69 -28.02 -7.09
N ARG A 155 -4.19 -27.99 -5.86
CA ARG A 155 -5.39 -27.21 -5.63
C ARG A 155 -5.14 -25.75 -5.99
N LEU A 156 -3.98 -25.19 -5.61
CA LEU A 156 -3.72 -23.80 -5.92
C LEU A 156 -3.57 -23.58 -7.42
N ARG A 157 -2.79 -24.44 -8.10
CA ARG A 157 -2.57 -24.24 -9.52
C ARG A 157 -3.89 -24.27 -10.30
N ALA A 158 -4.79 -25.17 -9.95
CA ALA A 158 -6.11 -25.16 -10.57
C ALA A 158 -6.82 -23.84 -10.31
N TYR A 159 -6.68 -23.29 -9.10
CA TYR A 159 -7.32 -22.02 -8.83
C TYR A 159 -6.70 -20.91 -9.64
N LEU A 160 -5.39 -20.82 -9.61
CA LEU A 160 -4.68 -19.76 -10.28
C LEU A 160 -4.73 -19.72 -11.79
N GLU A 161 -4.75 -20.88 -12.43
CA GLU A 161 -4.80 -20.94 -13.87
C GLU A 161 -6.18 -20.85 -14.38
N GLY A 162 -7.15 -21.15 -13.55
CA GLY A 162 -8.52 -21.12 -13.98
C GLY A 162 -9.42 -20.11 -13.38
N THR A 163 -9.88 -20.39 -12.19
CA THR A 163 -10.78 -19.51 -11.52
C THR A 163 -10.26 -18.12 -11.44
N CYS A 164 -9.07 -17.97 -10.89
CA CYS A 164 -8.54 -16.66 -10.71
C CYS A 164 -8.49 -15.79 -11.93
N VAL A 165 -8.06 -16.32 -13.07
CA VAL A 165 -7.96 -15.46 -14.25
C VAL A 165 -9.33 -15.25 -14.85
N GLU A 166 -10.24 -16.21 -14.71
CA GLU A 166 -11.59 -16.00 -15.21
C GLU A 166 -12.26 -14.85 -14.48
N TRP A 167 -12.23 -14.88 -13.15
CA TRP A 167 -12.75 -13.76 -12.38
C TRP A 167 -12.12 -12.44 -12.79
N LEU A 168 -10.81 -12.43 -13.05
CA LEU A 168 -10.17 -11.18 -13.46
C LEU A 168 -10.73 -10.69 -14.79
N ARG A 169 -10.86 -11.61 -15.77
CA ARG A 169 -11.47 -11.23 -17.05
C ARG A 169 -12.86 -10.66 -16.84
N ARG A 170 -13.58 -11.18 -15.87
CA ARG A 170 -14.89 -10.63 -15.57
C ARG A 170 -14.79 -9.24 -14.97
N TYR A 171 -13.75 -8.97 -14.15
CA TYR A 171 -13.63 -7.66 -13.52
C TYR A 171 -13.07 -6.61 -14.48
N LEU A 172 -12.17 -7.00 -15.38
CA LEU A 172 -11.65 -6.06 -16.36
C LEU A 172 -12.75 -5.56 -17.27
N LYS A 173 -13.67 -6.44 -17.66
CA LYS A 173 -14.75 -6.02 -18.53
C LYS A 173 -15.65 -4.98 -17.88
N ASN A 174 -15.40 -4.62 -16.64
CA ASN A 174 -16.29 -3.75 -15.90
C ASN A 174 -15.63 -2.45 -15.55
N GLY A 175 -14.36 -2.50 -15.24
CA GLY A 175 -13.66 -1.35 -14.77
C GLY A 175 -12.43 -1.14 -15.60
N ASN A 176 -12.29 -1.85 -16.72
CA ASN A 176 -11.28 -1.44 -17.67
C ASN A 176 -11.44 0.03 -17.89
N ALA A 177 -12.55 0.45 -18.53
CA ALA A 177 -12.81 1.85 -18.85
C ALA A 177 -12.34 2.81 -17.75
N THR A 178 -12.56 2.45 -16.48
CA THR A 178 -12.09 3.27 -15.37
C THR A 178 -10.59 3.11 -15.14
N LEU A 179 -10.09 1.87 -15.22
CA LEU A 179 -8.71 1.59 -14.82
C LEU A 179 -7.70 2.30 -15.70
N LEU A 180 -8.05 2.61 -16.96
CA LEU A 180 -7.10 3.31 -17.85
C LEU A 180 -6.92 4.78 -17.47
N ARG A 181 -7.77 5.33 -16.60
CA ARG A 181 -7.65 6.69 -16.06
C ARG A 181 -6.22 7.16 -15.91
N THR A 182 -5.79 8.17 -16.69
CA THR A 182 -4.52 8.81 -16.40
C THR A 182 -4.74 10.31 -16.20
N ASP A 183 -4.13 10.84 -15.13
CA ASP A 183 -4.07 12.27 -14.90
C ASP A 183 -2.63 12.70 -15.14
N SER A 184 -2.44 13.77 -15.94
CA SER A 184 -1.10 14.25 -16.21
C SER A 184 -0.57 15.05 -15.02
N PRO A 185 0.73 15.01 -14.77
CA PRO A 185 1.29 15.85 -13.72
C PRO A 185 1.17 17.32 -14.08
N LYS A 186 1.14 18.13 -13.02
CA LYS A 186 1.22 19.57 -13.11
C LYS A 186 2.51 19.92 -12.40
N ALA A 187 3.48 20.47 -13.11
CA ALA A 187 4.77 20.69 -12.49
C ALA A 187 5.03 22.17 -12.36
N HIS A 188 5.91 22.49 -11.43
CA HIS A 188 6.39 23.84 -11.21
C HIS A 188 7.61 23.67 -10.32
N VAL A 189 8.42 24.73 -10.25
CA VAL A 189 9.64 24.71 -9.47
C VAL A 189 9.63 25.88 -8.48
N THR A 190 10.07 25.61 -7.25
CA THR A 190 10.09 26.58 -6.17
C THR A 190 11.52 26.88 -5.75
N HIS A 191 11.70 28.04 -5.15
CA HIS A 191 13.02 28.62 -4.93
C HIS A 191 13.17 28.90 -3.44
N HIS A 192 14.29 28.49 -2.86
CA HIS A 192 14.53 28.67 -1.45
C HIS A 192 15.99 28.99 -1.25
N SER A 193 16.27 30.23 -0.90
CA SER A 193 17.59 30.65 -0.45
C SER A 193 17.95 29.92 0.84
N ARG A 194 19.11 29.26 0.84
CA ARG A 194 19.55 28.58 2.05
C ARG A 194 20.77 29.30 2.60
N PRO A 195 20.78 29.68 3.88
CA PRO A 195 21.98 30.31 4.45
C PRO A 195 23.22 29.46 4.19
N GLU A 196 24.30 30.07 3.68
CA GLU A 196 24.35 31.49 3.36
C GLU A 196 24.49 31.64 1.85
N ASP A 197 25.06 30.59 1.27
CA ASP A 197 25.60 30.56 -0.07
C ASP A 197 24.75 29.75 -1.03
N LYS A 198 23.60 29.21 -0.60
CA LYS A 198 22.93 28.17 -1.34
C LYS A 198 21.47 28.52 -1.67
N VAL A 199 21.07 28.15 -2.88
CA VAL A 199 19.67 28.15 -3.31
C VAL A 199 19.20 26.70 -3.34
N THR A 200 17.91 26.49 -3.08
CA THR A 200 17.28 25.17 -3.20
C THR A 200 16.18 25.26 -4.26
N LEU A 201 16.39 24.60 -5.39
CA LEU A 201 15.39 24.51 -6.45
C LEU A 201 14.62 23.21 -6.26
N ARG A 202 13.35 23.33 -5.89
CA ARG A 202 12.49 22.17 -5.65
C ARG A 202 11.50 21.98 -6.78
N CYS A 203 11.52 20.80 -7.39
CA CYS A 203 10.64 20.49 -8.51
C CYS A 203 9.45 19.70 -8.01
N TRP A 204 8.26 20.24 -8.23
CA TRP A 204 7.03 19.61 -7.76
C TRP A 204 6.28 18.98 -8.92
N ALA A 205 5.69 17.83 -8.64
CA ALA A 205 4.76 17.21 -9.57
C ALA A 205 3.53 16.84 -8.76
N LEU A 206 2.35 17.24 -9.25
CA LEU A 206 1.14 17.07 -8.47
C LEU A 206 -0.02 16.76 -9.39
N GLY A 207 -1.06 16.18 -8.79
CA GLY A 207 -2.27 15.88 -9.50
C GLY A 207 -2.16 14.73 -10.46
N PHE A 208 -1.16 13.86 -10.31
CA PHE A 208 -0.93 12.85 -11.34
C PHE A 208 -1.38 11.46 -10.90
N TYR A 209 -1.74 10.67 -11.88
CA TYR A 209 -2.18 9.31 -11.64
C TYR A 209 -2.04 8.54 -12.93
N PRO A 210 -1.46 7.34 -12.84
CA PRO A 210 -1.04 6.69 -11.58
C PRO A 210 0.24 7.24 -10.93
N ALA A 211 0.63 6.65 -9.79
CA ALA A 211 1.69 7.19 -8.94
C ALA A 211 3.09 6.93 -9.49
N ASP A 212 3.21 6.11 -10.53
CA ASP A 212 4.51 5.88 -11.14
C ASP A 212 4.99 7.16 -11.81
N ILE A 213 6.11 7.70 -11.36
CA ILE A 213 6.60 8.94 -11.93
C ILE A 213 8.09 9.03 -11.68
N THR A 214 8.79 9.78 -12.53
CA THR A 214 10.22 9.99 -12.38
C THR A 214 10.56 11.47 -12.51
N LEU A 215 11.32 11.99 -11.55
CA LEU A 215 11.79 13.38 -11.53
C LEU A 215 13.31 13.40 -11.52
N THR A 216 13.90 14.16 -12.45
CA THR A 216 15.34 14.37 -12.42
C THR A 216 15.71 15.83 -12.54
N TRP A 217 16.87 16.15 -11.98
CA TRP A 217 17.53 17.43 -12.15
C TRP A 217 18.74 17.25 -13.05
N GLN A 218 18.91 18.14 -14.01
CA GLN A 218 20.05 18.06 -14.88
C GLN A 218 20.86 19.31 -14.84
N LEU A 219 22.17 19.18 -14.77
CA LEU A 219 23.07 20.33 -14.79
C LEU A 219 23.63 20.35 -16.20
N ASN A 220 23.05 21.17 -17.05
CA ASN A 220 23.45 21.25 -18.44
C ASN A 220 23.80 19.91 -19.06
N GLY A 221 22.78 19.09 -19.32
CA GLY A 221 22.91 17.79 -19.94
C GLY A 221 23.14 16.55 -19.08
N GLU A 222 23.65 16.73 -17.89
CA GLU A 222 23.94 15.60 -17.03
C GLU A 222 22.85 15.43 -16.02
N GLU A 223 22.78 14.25 -15.43
CA GLU A 223 21.78 13.98 -14.42
C GLU A 223 22.52 13.97 -13.12
N LEU A 224 21.93 14.61 -12.13
CA LEU A 224 22.57 14.83 -10.84
C LEU A 224 22.22 13.69 -9.90
N ILE A 225 23.00 12.62 -9.93
CA ILE A 225 22.71 11.50 -9.05
C ILE A 225 23.03 11.78 -7.58
N GLN A 226 23.52 12.97 -7.28
CA GLN A 226 23.84 13.30 -5.90
C GLN A 226 23.32 14.68 -5.53
N ASP A 227 23.52 15.10 -4.29
CA ASP A 227 23.04 16.40 -3.86
C ASP A 227 21.50 16.48 -3.95
N MET A 228 20.91 15.69 -4.85
CA MET A 228 19.49 15.63 -5.09
C MET A 228 18.80 14.84 -4.01
N GLU A 229 17.71 15.40 -3.52
CA GLU A 229 16.88 14.77 -2.50
C GLU A 229 15.50 14.60 -3.07
N LEU A 230 14.74 13.70 -2.46
CA LEU A 230 13.65 13.04 -3.17
C LEU A 230 12.72 12.47 -2.12
N VAL A 231 11.43 12.73 -2.25
CA VAL A 231 10.46 12.20 -1.31
C VAL A 231 9.74 11.03 -1.96
N GLU A 232 9.50 9.99 -1.16
CA GLU A 232 8.64 8.92 -1.62
C GLU A 232 7.34 9.53 -2.08
N THR A 233 6.94 9.21 -3.31
CA THR A 233 5.74 9.84 -3.83
C THR A 233 4.60 9.53 -2.87
N ARG A 234 3.65 10.46 -2.78
CA ARG A 234 2.70 10.43 -1.70
C ARG A 234 1.31 10.69 -2.25
N PRO A 235 0.29 10.04 -1.68
CA PRO A 235 -1.08 10.36 -2.06
C PRO A 235 -1.46 11.73 -1.52
N ALA A 236 -2.14 12.51 -2.35
CA ALA A 236 -2.62 13.80 -1.89
C ALA A 236 -3.87 13.66 -1.04
N GLY A 237 -4.65 12.61 -1.27
CA GLY A 237 -5.88 12.40 -0.53
C GLY A 237 -7.10 12.43 -1.40
N ASP A 238 -6.95 12.58 -2.72
CA ASP A 238 -8.07 12.72 -3.63
C ASP A 238 -7.96 11.82 -4.85
N GLY A 239 -7.12 10.79 -4.79
CA GLY A 239 -6.92 9.92 -5.93
C GLY A 239 -5.78 10.30 -6.85
N THR A 240 -5.21 11.50 -6.69
CA THR A 240 -3.99 11.87 -7.39
C THR A 240 -2.83 11.76 -6.42
N PHE A 241 -1.61 11.85 -6.95
CA PHE A 241 -0.43 11.70 -6.12
C PHE A 241 0.39 12.98 -6.14
N GLN A 242 1.46 12.94 -5.36
CA GLN A 242 2.41 14.04 -5.25
C GLN A 242 3.81 13.47 -5.29
N LYS A 243 4.75 14.22 -5.87
CA LYS A 243 6.16 13.98 -5.62
C LYS A 243 6.91 15.28 -5.82
N TRP A 244 8.01 15.46 -5.10
CA TRP A 244 8.96 16.49 -5.45
C TRP A 244 10.38 15.98 -5.35
N ALA A 245 11.26 16.66 -6.07
CA ALA A 245 12.69 16.42 -6.08
C ALA A 245 13.39 17.76 -6.17
N SER A 246 14.45 17.92 -5.39
CA SER A 246 15.18 19.18 -5.50
C SER A 246 16.69 18.96 -5.48
N VAL A 247 17.38 20.02 -5.12
CA VAL A 247 18.81 20.04 -5.09
C VAL A 247 19.20 21.44 -4.69
N VAL A 248 20.42 21.58 -4.21
CA VAL A 248 20.90 22.87 -3.80
C VAL A 248 21.87 23.39 -4.81
N VAL A 249 21.72 24.66 -5.16
CA VAL A 249 22.59 25.24 -6.15
C VAL A 249 23.18 26.56 -5.72
N PRO A 250 24.45 26.82 -6.18
CA PRO A 250 25.03 28.09 -5.76
C PRO A 250 24.20 29.24 -6.25
N LEU A 251 24.60 30.46 -5.99
CA LEU A 251 23.81 31.61 -6.43
C LEU A 251 23.98 32.07 -7.86
N GLY A 252 22.92 32.71 -8.30
CA GLY A 252 22.81 33.28 -9.63
C GLY A 252 23.21 32.29 -10.68
N LYS A 253 23.20 31.03 -10.30
CA LYS A 253 23.56 30.00 -11.20
C LYS A 253 22.43 29.03 -11.19
N GLU A 254 21.22 29.53 -11.36
CA GLU A 254 20.06 28.67 -11.36
C GLU A 254 19.35 28.74 -12.68
N GLN A 255 20.12 28.88 -13.74
CA GLN A 255 19.56 28.94 -15.07
C GLN A 255 20.13 27.73 -15.70
N TYR A 256 21.19 27.27 -15.11
CA TYR A 256 21.95 26.13 -15.59
C TYR A 256 21.24 24.80 -15.32
N TYR A 257 20.22 24.77 -14.46
CA TYR A 257 19.57 23.53 -14.07
C TYR A 257 18.22 23.35 -14.73
N THR A 258 17.83 22.11 -14.89
CA THR A 258 16.51 21.85 -15.42
C THR A 258 15.93 20.61 -14.77
N CYS A 259 14.66 20.73 -14.38
CA CYS A 259 13.87 19.60 -13.91
C CYS A 259 13.27 18.88 -15.11
N HIS A 260 13.17 17.56 -15.00
CA HIS A 260 12.46 16.79 -16.02
C HIS A 260 11.53 15.81 -15.34
N VAL A 261 10.32 15.72 -15.89
CA VAL A 261 9.22 15.00 -15.28
C VAL A 261 8.75 13.92 -16.24
N TYR A 262 8.86 12.66 -15.82
CA TYR A 262 8.62 11.49 -16.67
C TYR A 262 7.38 10.76 -16.18
N HIS A 263 6.32 10.77 -17.00
CA HIS A 263 5.04 10.20 -16.61
C HIS A 263 4.27 9.75 -17.85
N GLN A 264 3.47 8.69 -17.67
CA GLN A 264 2.77 8.10 -18.82
C GLN A 264 1.65 8.97 -19.35
N GLY A 265 1.14 9.91 -18.56
CA GLY A 265 0.14 10.82 -19.09
C GLY A 265 0.70 12.07 -19.72
N LEU A 266 2.02 12.10 -19.92
CA LEU A 266 2.67 13.15 -20.68
C LEU A 266 2.95 12.63 -22.08
N PRO A 267 2.46 13.27 -23.13
CA PRO A 267 2.95 12.92 -24.48
C PRO A 267 4.47 12.94 -24.53
N GLU A 268 5.07 14.02 -24.04
CA GLU A 268 6.51 14.23 -23.93
C GLU A 268 6.87 14.52 -22.48
N PRO A 269 7.99 13.99 -21.98
CA PRO A 269 8.45 14.40 -20.65
C PRO A 269 8.53 15.90 -20.53
N LEU A 270 8.35 16.40 -19.30
CA LEU A 270 8.36 17.85 -19.06
C LEU A 270 9.77 18.30 -18.75
N THR A 271 10.08 19.52 -19.22
CA THR A 271 11.32 20.22 -18.93
C THR A 271 11.00 21.58 -18.32
N LEU A 272 11.50 21.86 -17.11
CA LEU A 272 11.20 23.09 -16.41
C LEU A 272 12.48 23.79 -15.99
N ARG A 273 12.49 25.12 -16.08
CA ARG A 273 13.58 25.95 -15.57
C ARG A 273 13.04 26.97 -14.58
N TRP A 274 13.88 27.35 -13.63
CA TRP A 274 13.60 28.56 -12.86
C TRP A 274 14.01 29.79 -13.66
N SER B 1 -12.50 -12.86 -7.00
CA SER B 1 -12.99 -13.84 -6.05
C SER B 1 -11.84 -14.60 -5.43
N ILE B 2 -11.74 -14.53 -4.13
CA ILE B 2 -10.60 -15.09 -3.42
C ILE B 2 -10.82 -16.55 -3.17
N ILE B 3 -9.73 -17.29 -3.08
CA ILE B 3 -9.78 -18.71 -2.80
C ILE B 3 -10.11 -18.95 -1.33
N VAL B 4 -10.81 -20.05 -1.05
CA VAL B 4 -10.91 -20.52 0.32
C VAL B 4 -9.54 -21.05 0.73
N PHE B 5 -9.06 -20.64 1.90
CA PHE B 5 -7.71 -21.00 2.32
C PHE B 5 -7.79 -22.26 3.19
N ASN B 6 -6.70 -23.04 3.24
CA ASN B 6 -6.63 -24.18 4.13
C ASN B 6 -5.74 -23.86 5.33
N LEU B 7 -5.66 -24.79 6.26
CA LEU B 7 -4.95 -24.54 7.49
C LEU B 7 -3.44 -24.67 7.29
N LEU B 8 -2.70 -23.87 8.06
CA LEU B 8 -1.26 -24.04 8.25
C LEU B 8 -0.96 -25.14 9.27
N ILE C 1 11.63 -8.49 14.13
CA ILE C 1 10.20 -8.44 13.91
C ILE C 1 9.58 -7.05 14.16
N GLN C 2 10.32 -5.95 13.99
CA GLN C 2 9.76 -4.64 14.33
C GLN C 2 10.40 -3.53 13.49
N LYS C 3 9.57 -2.76 12.79
CA LYS C 3 10.02 -1.80 11.80
C LYS C 3 9.37 -0.44 12.02
N THR C 4 10.21 0.63 11.87
CA THR C 4 9.91 2.00 12.29
C THR C 4 9.09 2.73 11.23
N PRO C 5 7.98 3.36 11.60
CA PRO C 5 7.18 4.04 10.58
C PRO C 5 7.90 5.22 9.97
N GLN C 6 7.71 5.42 8.68
CA GLN C 6 8.15 6.62 8.00
C GLN C 6 6.94 7.53 7.82
N ILE C 7 7.16 8.83 8.05
CA ILE C 7 6.08 9.80 8.19
C ILE C 7 6.32 10.94 7.21
N GLN C 8 5.28 11.31 6.48
CA GLN C 8 5.29 12.55 5.71
C GLN C 8 4.03 13.31 6.07
N VAL C 9 4.20 14.58 6.39
CA VAL C 9 3.08 15.48 6.60
C VAL C 9 3.24 16.65 5.66
N TYR C 10 2.12 17.06 5.06
CA TYR C 10 2.14 17.87 3.86
C TYR C 10 0.69 18.17 3.53
N SER C 11 0.51 19.08 2.57
CA SER C 11 -0.80 19.61 2.23
C SER C 11 -1.27 19.05 0.90
N ARG C 12 -2.59 18.95 0.78
CA ARG C 12 -3.19 18.50 -0.47
C ARG C 12 -3.15 19.57 -1.54
N HIS C 13 -3.10 20.84 -1.17
CA HIS C 13 -2.96 21.93 -2.12
C HIS C 13 -1.92 22.91 -1.63
N PRO C 14 -1.21 23.60 -2.53
CA PRO C 14 -0.08 24.44 -2.12
C PRO C 14 -0.49 25.73 -1.40
N ASN C 17 -2.44 29.90 3.24
CA ASN C 17 -2.75 31.02 4.12
C ASN C 17 -4.22 31.38 4.00
N GLY C 18 -5.11 30.39 3.96
CA GLY C 18 -6.54 30.66 4.01
C GLY C 18 -7.39 29.81 3.05
N LYS C 19 -6.84 28.78 2.39
CA LYS C 19 -7.43 28.03 1.31
C LYS C 19 -8.08 26.78 1.87
N PRO C 20 -8.92 26.09 0.98
CA PRO C 20 -9.65 24.88 1.46
C PRO C 20 -8.78 23.62 1.68
N ASN C 21 -7.59 23.84 2.26
CA ASN C 21 -6.55 22.82 2.27
C ASN C 21 -6.93 21.67 3.20
N ILE C 22 -6.91 20.45 2.65
CA ILE C 22 -6.87 19.26 3.50
C ILE C 22 -5.42 18.99 3.84
N LEU C 23 -5.17 18.49 5.04
CA LEU C 23 -3.83 18.22 5.50
C LEU C 23 -3.66 16.71 5.73
N ASN C 24 -2.42 16.24 5.58
CA ASN C 24 -2.14 14.81 5.40
C ASN C 24 -1.01 14.32 6.29
N CYS C 25 -1.25 13.20 6.96
CA CYS C 25 -0.20 12.42 7.61
C CYS C 25 -0.18 11.05 6.96
N TYR C 26 0.88 10.78 6.21
CA TYR C 26 1.07 9.55 5.45
C TYR C 26 2.12 8.70 6.14
N VAL C 27 1.73 7.50 6.60
CA VAL C 27 2.61 6.65 7.40
C VAL C 27 2.80 5.30 6.71
N THR C 28 4.07 4.93 6.47
CA THR C 28 4.43 3.76 5.69
C THR C 28 5.59 3.00 6.35
N GLN C 29 5.90 1.84 5.77
CA GLN C 29 7.06 1.02 6.15
C GLN C 29 7.03 0.55 7.61
N PHE C 30 5.86 0.30 8.20
CA PHE C 30 5.86 -0.09 9.61
C PHE C 30 5.25 -1.48 9.85
N HIS C 31 5.71 -2.11 10.93
CA HIS C 31 5.09 -3.29 11.48
C HIS C 31 5.57 -3.49 12.94
N PRO C 32 4.67 -3.94 13.84
CA PRO C 32 3.28 -4.40 13.76
C PRO C 32 2.27 -3.35 13.23
N PRO C 33 1.04 -3.78 12.92
CA PRO C 33 0.09 -2.84 12.31
C PRO C 33 -0.61 -1.92 13.29
N HIS C 34 -0.65 -2.24 14.58
CA HIS C 34 -1.26 -1.29 15.51
C HIS C 34 -0.44 -0.01 15.48
N ILE C 35 -1.13 1.11 15.25
CA ILE C 35 -0.47 2.40 15.19
C ILE C 35 -1.44 3.45 15.69
N GLU C 36 -0.90 4.51 16.28
CA GLU C 36 -1.67 5.58 16.87
C GLU C 36 -1.08 6.88 16.37
N ILE C 37 -1.80 7.57 15.48
CA ILE C 37 -1.36 8.84 14.94
C ILE C 37 -2.26 9.95 15.47
N GLN C 38 -1.63 10.99 16.02
CA GLN C 38 -2.31 12.21 16.46
C GLN C 38 -1.77 13.38 15.65
N MET C 39 -2.61 14.38 15.44
CA MET C 39 -2.23 15.52 14.60
C MET C 39 -2.13 16.88 15.33
N GLY C 43 -2.42 26.28 16.60
CA GLY C 43 -2.80 25.50 17.77
C GLY C 43 -2.45 24.03 17.64
N LYS C 44 -2.62 23.28 18.73
CA LYS C 44 -2.20 21.89 18.83
C LYS C 44 -3.36 20.96 19.13
N LYS C 45 -3.19 19.69 18.75
CA LYS C 45 -4.10 18.58 19.00
C LYS C 45 -5.47 18.83 18.39
N ILE C 46 -5.69 18.25 17.22
CA ILE C 46 -6.83 18.55 16.35
C ILE C 46 -7.84 17.40 16.43
N PRO C 47 -9.15 17.67 16.45
CA PRO C 47 -10.12 16.56 16.39
C PRO C 47 -10.78 16.43 15.02
N LYS C 48 -11.62 15.41 14.83
CA LYS C 48 -12.17 15.03 13.52
C LYS C 48 -11.05 14.74 12.52
N VAL C 49 -10.32 13.66 12.82
CA VAL C 49 -9.25 13.18 11.96
C VAL C 49 -9.74 11.86 11.36
N GLU C 50 -10.12 11.90 10.08
CA GLU C 50 -10.37 10.69 9.33
C GLU C 50 -9.06 9.97 9.07
N MET C 51 -9.14 8.65 8.91
CA MET C 51 -7.96 7.82 8.67
C MET C 51 -8.31 6.76 7.64
N SER C 52 -7.53 6.69 6.56
CA SER C 52 -7.80 5.69 5.54
C SER C 52 -7.83 4.30 6.17
N ASP C 53 -8.63 3.42 5.57
CA ASP C 53 -8.55 2.00 5.89
C ASP C 53 -7.12 1.52 5.64
N MET C 54 -6.73 0.49 6.35
CA MET C 54 -5.33 0.13 6.26
C MET C 54 -5.05 -0.91 5.19
N SER C 55 -3.78 -0.96 4.78
CA SER C 55 -3.29 -1.80 3.72
C SER C 55 -1.85 -2.16 4.02
N PHE C 56 -1.30 -3.07 3.22
CA PHE C 56 0.13 -3.38 3.28
C PHE C 56 0.59 -3.70 1.86
N SER C 57 1.89 -3.76 1.69
CA SER C 57 2.47 -3.83 0.37
C SER C 57 3.37 -5.05 0.24
N LYS C 58 3.85 -5.29 -0.94
CA LYS C 58 4.67 -6.44 -1.20
C LYS C 58 5.60 -6.85 -0.12
N ASP C 59 6.26 -5.90 0.51
CA ASP C 59 7.23 -6.25 1.53
C ASP C 59 6.62 -6.46 2.90
N TRP C 60 5.33 -6.60 2.93
CA TRP C 60 4.60 -6.85 4.14
C TRP C 60 4.42 -5.66 5.04
N SER C 61 5.15 -4.58 4.77
CA SER C 61 5.04 -3.39 5.56
C SER C 61 3.70 -2.72 5.37
N PHE C 62 3.17 -2.15 6.43
CA PHE C 62 1.89 -1.48 6.43
C PHE C 62 1.93 0.00 6.13
N TYR C 63 0.78 0.55 5.82
CA TYR C 63 0.70 1.97 5.51
C TYR C 63 -0.74 2.44 5.63
N ILE C 64 -0.89 3.75 5.89
CA ILE C 64 -2.16 4.41 6.16
C ILE C 64 -2.03 5.87 5.77
N LEU C 65 -3.16 6.52 5.56
CA LEU C 65 -3.18 7.99 5.42
C LEU C 65 -4.25 8.58 6.31
N ALA C 66 -3.83 9.54 7.14
CA ALA C 66 -4.73 10.32 7.98
C ALA C 66 -4.82 11.73 7.43
N HIS C 67 -6.00 12.34 7.45
CA HIS C 67 -6.14 13.70 6.98
C HIS C 67 -7.17 14.43 7.80
N THR C 68 -6.98 15.72 8.00
CA THR C 68 -7.91 16.47 8.80
C THR C 68 -8.94 17.32 8.06
N GLU C 69 -8.46 18.50 7.65
CA GLU C 69 -9.21 19.54 6.99
C GLU C 69 -8.69 20.64 7.85
N PHE C 70 -8.19 21.70 7.26
CA PHE C 70 -7.65 22.78 8.07
C PHE C 70 -7.43 23.98 7.23
N THR C 71 -7.38 25.14 7.87
CA THR C 71 -7.06 26.34 7.12
C THR C 71 -5.92 27.05 7.83
N PRO C 72 -4.76 27.18 7.18
CA PRO C 72 -3.60 27.79 7.86
C PRO C 72 -3.32 29.21 7.40
N THR C 73 -2.25 29.80 7.94
CA THR C 73 -2.03 31.24 7.85
C THR C 73 -0.62 31.55 7.38
N THR C 75 2.07 32.88 12.63
CA THR C 75 1.27 31.85 11.96
C THR C 75 1.16 30.62 12.86
N ASP C 76 0.05 29.90 12.81
CA ASP C 76 -0.07 28.67 13.59
C ASP C 76 0.96 27.63 13.13
N THR C 77 1.11 26.59 13.95
CA THR C 77 1.88 25.41 13.57
C THR C 77 1.04 24.16 13.80
N TYR C 78 1.24 23.17 12.92
CA TYR C 78 0.40 21.99 12.85
C TYR C 78 1.25 20.73 12.97
N ALA C 79 0.68 19.71 13.62
CA ALA C 79 1.43 18.72 14.37
C ALA C 79 1.15 17.30 13.86
N CYS C 80 2.12 16.41 14.09
CA CYS C 80 1.94 14.98 13.85
C CYS C 80 2.79 14.12 14.77
N ARG C 81 2.14 13.16 15.43
CA ARG C 81 2.74 12.34 16.47
C ARG C 81 2.15 10.95 16.35
N VAL C 82 3.00 9.96 16.11
CA VAL C 82 2.54 8.59 15.96
C VAL C 82 3.15 7.78 17.09
N LYS C 83 2.31 7.08 17.82
CA LYS C 83 2.72 6.02 18.73
C LYS C 83 2.78 4.72 17.94
N HIS C 84 3.80 3.90 18.23
CA HIS C 84 3.98 2.63 17.56
C HIS C 84 5.08 1.87 18.27
N ALA C 85 4.90 0.56 18.42
CA ALA C 85 5.76 -0.20 19.30
C ALA C 85 7.25 -0.03 18.98
N SER C 86 7.58 0.30 17.73
CA SER C 86 8.98 0.36 17.33
C SER C 86 9.72 1.54 17.95
N MET C 87 8.99 2.50 18.51
CA MET C 87 9.57 3.70 19.10
C MET C 87 9.36 3.68 20.61
N ALA C 88 10.41 3.99 21.36
CA ALA C 88 10.23 4.24 22.79
C ALA C 88 9.22 5.37 23.04
N GLU C 89 9.31 6.46 22.29
CA GLU C 89 8.42 7.60 22.49
C GLU C 89 7.81 8.02 21.17
N PRO C 90 6.57 8.51 21.20
CA PRO C 90 5.93 8.91 19.94
C PRO C 90 6.81 9.90 19.20
N LYS C 91 6.98 9.69 17.90
CA LYS C 91 7.74 10.61 17.09
C LYS C 91 6.82 11.72 16.60
N THR C 92 7.18 12.96 16.83
CA THR C 92 6.37 14.08 16.42
C THR C 92 6.94 14.71 15.16
N VAL C 93 6.12 15.19 14.24
CA VAL C 93 6.64 15.78 13.01
C VAL C 93 5.79 16.95 12.58
N TYR C 94 6.44 18.01 12.12
CA TYR C 94 5.76 19.26 11.75
C TYR C 94 5.33 19.66 10.34
N TRP C 95 6.17 20.35 9.57
CA TRP C 95 5.74 20.80 8.22
C TRP C 95 6.74 21.63 7.38
N ASP C 96 6.30 22.16 6.24
CA ASP C 96 7.13 22.91 5.31
C ASP C 96 8.49 23.33 5.81
#